data_5WHT
#
_entry.id   5WHT
#
_cell.length_a   60.379
_cell.length_b   95.682
_cell.length_c   117.173
_cell.angle_alpha   90.00
_cell.angle_beta   90.00
_cell.angle_gamma   90.00
#
_symmetry.space_group_name_H-M   'P 21 21 21'
#
loop_
_entity.id
_entity.type
_entity.pdbx_description
1 polymer 'Putative pertussis-like toxin subunit'
2 branched 'N-acetyl-alpha-neuraminic acid-(2-3)-beta-D-galactopyranose-(1-4)-alpha-D-glucopyranose'
3 branched 'N-acetyl-alpha-neuraminic acid-(2-3)-beta-D-galactopyranose'
4 non-polymer 'ACETATE ION'
5 non-polymer 'N-acetyl-alpha-neuraminic acid'
6 non-polymer DI(HYDROXYETHYL)ETHER
7 water water
#
_entity_poly.entity_id   1
_entity_poly.type   'polypeptide(L)'
_entity_poly.pdbx_seq_one_letter_code
;MYMSKYVPVYTLLILIYSFNASAEWTGDNTNAYYSDEVISELHVGQIDTSPYFCIKTVKANGSGTPVVACAVSKQSIWAP
SFKELLDQARYFYSTGQSVRIHVQKNIWTYPLFVNTFSANALVGLSSCSATQCFGPKL
;
_entity_poly.pdbx_strand_id   A,B,C,D,E
#
# COMPACT_ATOMS: atom_id res chain seq x y z
N GLU A 24 -9.79 24.73 10.53
CA GLU A 24 -10.83 23.80 10.11
C GLU A 24 -10.67 22.45 10.82
N TRP A 25 -11.76 21.71 10.96
CA TRP A 25 -11.69 20.37 11.53
C TRP A 25 -12.82 19.53 11.01
N THR A 26 -12.52 18.27 10.70
CA THR A 26 -13.55 17.29 10.37
C THR A 26 -14.77 17.50 11.24
N GLY A 27 -14.54 17.72 12.53
CA GLY A 27 -15.62 17.76 13.50
C GLY A 27 -16.33 19.09 13.67
N ASP A 28 -15.92 20.10 12.89
CA ASP A 28 -16.55 21.42 12.97
C ASP A 28 -18.06 21.26 12.81
N ASN A 29 -18.82 22.02 13.60
CA ASN A 29 -20.28 21.85 13.53
C ASN A 29 -20.86 22.34 12.21
N THR A 30 -20.07 23.07 11.43
CA THR A 30 -20.52 23.51 10.10
C THR A 30 -20.39 22.41 9.05
N ASN A 31 -19.73 21.32 9.40
CA ASN A 31 -19.74 20.14 8.54
C ASN A 31 -21.00 19.31 8.80
N ALA A 32 -21.23 18.29 7.99
CA ALA A 32 -22.39 17.43 8.14
C ALA A 32 -21.89 16.00 8.27
N TYR A 33 -22.53 15.18 9.07
CA TYR A 33 -22.15 13.77 9.13
C TYR A 33 -23.37 12.87 9.16
N TYR A 34 -23.14 11.60 8.83
CA TYR A 34 -24.20 10.62 8.73
C TYR A 34 -23.69 9.32 9.33
N SER A 35 -24.36 8.87 10.39
CA SER A 35 -23.91 7.70 11.11
C SER A 35 -24.54 6.42 10.55
N ASP A 36 -23.94 5.29 10.91
CA ASP A 36 -24.49 3.98 10.59
C ASP A 36 -24.64 3.78 9.08
N GLU A 37 -23.66 4.24 8.33
CA GLU A 37 -23.62 4.11 6.87
C GLU A 37 -22.65 3.01 6.45
N VAL A 38 -22.72 2.61 5.19
CA VAL A 38 -21.72 1.72 4.64
C VAL A 38 -21.35 2.26 3.28
N ILE A 39 -20.12 1.99 2.85
CA ILE A 39 -19.71 2.47 1.53
C ILE A 39 -20.11 1.45 0.48
N SER A 40 -21.06 1.80 -0.37
CA SER A 40 -21.59 0.84 -1.33
C SER A 40 -20.98 0.97 -2.73
N GLU A 41 -20.37 2.12 -3.04
CA GLU A 41 -19.72 2.31 -4.35
C GLU A 41 -18.51 3.21 -4.27
N LEU A 42 -17.59 3.04 -5.22
CA LEU A 42 -16.33 3.78 -5.27
C LEU A 42 -15.95 4.06 -6.73
N HIS A 43 -15.50 5.27 -7.01
CA HIS A 43 -15.11 5.70 -8.36
C HIS A 43 -13.81 6.49 -8.22
N VAL A 44 -12.88 6.31 -9.15
CA VAL A 44 -11.68 7.14 -9.21
C VAL A 44 -11.53 7.70 -10.63
N GLY A 45 -11.04 8.93 -10.71
CA GLY A 45 -10.83 9.57 -11.99
C GLY A 45 -9.93 10.78 -11.85
N GLN A 46 -10.04 11.68 -12.82
CA GLN A 46 -9.24 12.91 -12.81
C GLN A 46 -10.08 14.08 -13.29
N ILE A 47 -9.85 15.25 -12.70
CA ILE A 47 -10.50 16.45 -13.19
C ILE A 47 -9.56 17.63 -13.03
N ASP A 48 -9.44 18.43 -14.09
CA ASP A 48 -8.53 19.58 -14.09
C ASP A 48 -7.12 19.30 -13.54
N THR A 49 -6.52 18.23 -14.07
CA THR A 49 -5.18 17.77 -13.69
C THR A 49 -5.06 17.20 -12.27
N SER A 50 -6.18 16.96 -11.60
CA SER A 50 -6.13 16.39 -10.26
C SER A 50 -6.79 15.04 -10.18
N PRO A 51 -6.09 14.07 -9.61
CA PRO A 51 -6.77 12.82 -9.27
C PRO A 51 -7.93 13.15 -8.32
N TYR A 52 -9.01 12.38 -8.38
CA TYR A 52 -10.08 12.52 -7.37
C TYR A 52 -10.72 11.16 -7.17
N PHE A 53 -11.45 10.98 -6.06
CA PHE A 53 -12.32 9.80 -5.94
C PHE A 53 -13.62 10.24 -5.31
N CYS A 54 -14.67 9.44 -5.51
CA CYS A 54 -15.95 9.71 -4.89
C CYS A 54 -16.44 8.41 -4.29
N ILE A 55 -17.23 8.52 -3.24
CA ILE A 55 -17.86 7.34 -2.68
C ILE A 55 -19.33 7.60 -2.56
N LYS A 56 -20.10 6.52 -2.58
CA LYS A 56 -21.52 6.57 -2.29
C LYS A 56 -21.74 5.75 -1.03
N THR A 57 -22.46 6.32 -0.08
CA THR A 57 -22.75 5.60 1.13
C THR A 57 -24.25 5.54 1.30
N VAL A 58 -24.72 4.50 1.97
CA VAL A 58 -26.13 4.35 2.26
C VAL A 58 -26.24 3.87 3.71
N LYS A 59 -27.40 4.08 4.34
CA LYS A 59 -27.62 3.54 5.67
C LYS A 59 -27.43 2.02 5.64
N ALA A 60 -26.72 1.48 6.62
CA ALA A 60 -26.57 0.04 6.72
C ALA A 60 -27.95 -0.64 6.66
N ASN A 61 -28.93 -0.09 7.39
CA ASN A 61 -30.24 -0.75 7.48
C ASN A 61 -31.14 -0.49 6.27
N GLY A 62 -30.62 0.24 5.28
CA GLY A 62 -31.39 0.46 4.06
C GLY A 62 -32.35 1.64 4.05
N SER A 63 -32.57 2.27 5.19
CA SER A 63 -33.44 3.45 5.25
C SER A 63 -32.79 4.66 4.56
N GLY A 64 -33.58 5.70 4.36
CA GLY A 64 -33.08 6.99 3.93
C GLY A 64 -32.61 7.03 2.49
N THR A 65 -31.76 8.00 2.19
CA THR A 65 -31.25 8.21 0.84
C THR A 65 -29.72 8.27 0.86
N PRO A 66 -29.08 7.97 -0.27
CA PRO A 66 -27.61 7.87 -0.33
C PRO A 66 -26.94 9.21 -0.07
N VAL A 67 -25.71 9.15 0.39
CA VAL A 67 -24.84 10.32 0.47
C VAL A 67 -23.68 10.09 -0.49
N VAL A 68 -23.38 11.09 -1.31
CA VAL A 68 -22.25 11.03 -2.20
C VAL A 68 -21.26 12.13 -1.79
N ALA A 69 -19.99 11.77 -1.67
CA ALA A 69 -18.95 12.76 -1.38
C ALA A 69 -17.69 12.43 -2.19
N CYS A 70 -16.91 13.46 -2.50
CA CYS A 70 -15.68 13.27 -3.27
C CYS A 70 -14.52 13.99 -2.60
N ALA A 71 -13.30 13.53 -2.88
CA ALA A 71 -12.09 14.21 -2.44
C ALA A 71 -11.29 14.49 -3.68
N VAL A 72 -10.78 15.72 -3.80
CA VAL A 72 -10.01 16.10 -4.98
C VAL A 72 -8.60 16.44 -4.55
N SER A 73 -7.64 15.66 -5.05
CA SER A 73 -6.28 15.65 -4.52
C SER A 73 -5.60 17.01 -4.44
N LYS A 74 -5.75 17.84 -5.47
CA LYS A 74 -5.04 19.12 -5.50
C LYS A 74 -5.84 20.28 -4.92
N GLN A 75 -7.09 20.03 -4.52
CA GLN A 75 -8.08 21.10 -4.29
C GLN A 75 -8.68 21.16 -2.89
N SER A 76 -8.89 22.41 -2.44
CA SER A 76 -9.59 22.73 -1.19
C SER A 76 -8.70 22.54 0.02
N ILE A 77 -9.16 23.07 1.16
CA ILE A 77 -8.36 22.97 2.35
C ILE A 77 -8.16 21.51 2.76
N TRP A 78 -9.00 20.61 2.24
CA TRP A 78 -8.96 19.19 2.62
C TRP A 78 -7.95 18.38 1.79
N ALA A 79 -7.30 19.05 0.85
CA ALA A 79 -6.38 18.37 -0.06
C ALA A 79 -5.31 17.51 0.62
N PRO A 80 -4.75 17.99 1.75
CA PRO A 80 -3.70 17.19 2.39
C PRO A 80 -4.15 15.78 2.79
N SER A 81 -5.43 15.61 3.05
CA SER A 81 -5.94 14.35 3.57
C SER A 81 -6.37 13.38 2.46
N PHE A 82 -6.17 13.77 1.19
CA PHE A 82 -6.66 12.96 0.07
C PHE A 82 -6.20 11.50 0.13
N LYS A 83 -4.89 11.27 0.26
CA LYS A 83 -4.43 9.88 0.22
C LYS A 83 -4.94 9.08 1.43
N GLU A 84 -4.91 9.69 2.61
CA GLU A 84 -5.42 9.01 3.80
C GLU A 84 -6.90 8.65 3.65
N LEU A 85 -7.68 9.56 3.08
CA LEU A 85 -9.11 9.32 2.94
C LEU A 85 -9.40 8.27 1.87
N LEU A 86 -8.65 8.32 0.78
CA LEU A 86 -8.79 7.31 -0.28
C LEU A 86 -8.41 5.93 0.25
N ASP A 87 -7.27 5.83 0.91
CA ASP A 87 -6.88 4.56 1.52
C ASP A 87 -7.95 4.04 2.48
N GLN A 88 -8.48 4.92 3.32
CA GLN A 88 -9.48 4.49 4.31
C GLN A 88 -10.81 4.15 3.65
N ALA A 89 -11.20 4.96 2.67
CA ALA A 89 -12.40 4.67 1.91
C ALA A 89 -12.30 3.28 1.25
N ARG A 90 -11.15 2.95 0.65
CA ARG A 90 -10.96 1.64 0.04
C ARG A 90 -11.12 0.54 1.06
N TYR A 91 -10.54 0.75 2.24
CA TYR A 91 -10.59 -0.28 3.28
C TYR A 91 -12.03 -0.56 3.71
N PHE A 92 -12.76 0.50 4.05
CA PHE A 92 -14.14 0.33 4.50
C PHE A 92 -15.06 -0.15 3.38
N TYR A 93 -14.76 0.26 2.14
CA TYR A 93 -15.49 -0.23 0.98
C TYR A 93 -15.30 -1.75 0.87
N SER A 94 -14.08 -2.21 1.07
CA SER A 94 -13.79 -3.63 0.97
C SER A 94 -14.45 -4.46 2.07
N THR A 95 -14.54 -3.93 3.29
CA THR A 95 -15.08 -4.73 4.38
C THR A 95 -16.60 -4.66 4.47
N GLY A 96 -17.18 -3.58 3.96
CA GLY A 96 -18.59 -3.35 4.13
C GLY A 96 -19.01 -3.01 5.56
N GLN A 97 -18.05 -2.62 6.40
CA GLN A 97 -18.41 -2.35 7.79
C GLN A 97 -19.08 -0.98 7.95
N SER A 98 -19.82 -0.80 9.05
CA SER A 98 -20.51 0.46 9.30
C SER A 98 -19.53 1.60 9.58
N VAL A 99 -19.86 2.78 9.08
CA VAL A 99 -19.02 3.95 9.28
C VAL A 99 -19.86 5.19 9.50
N ARG A 100 -19.22 6.23 10.02
CA ARG A 100 -19.80 7.56 9.95
C ARG A 100 -19.04 8.31 8.87
N ILE A 101 -19.78 8.92 7.95
CA ILE A 101 -19.14 9.73 6.92
C ILE A 101 -19.30 11.21 7.27
N HIS A 102 -18.21 11.97 7.18
CA HIS A 102 -18.23 13.38 7.47
C HIS A 102 -18.00 14.13 6.18
N VAL A 103 -18.82 15.13 5.88
CA VAL A 103 -18.65 15.92 4.66
C VAL A 103 -18.75 17.42 4.91
N GLN A 104 -18.18 18.19 4.00
CA GLN A 104 -18.49 19.62 3.95
C GLN A 104 -19.30 19.87 2.70
N LYS A 105 -20.46 20.48 2.86
CA LYS A 105 -21.37 20.69 1.73
C LYS A 105 -20.97 21.83 0.80
N ASN A 106 -21.40 21.76 -0.45
CA ASN A 106 -21.26 22.87 -1.40
C ASN A 106 -19.84 23.39 -1.64
N ILE A 107 -18.90 22.47 -1.86
CA ILE A 107 -17.51 22.84 -2.15
C ILE A 107 -17.18 22.76 -3.65
N TRP A 108 -17.43 21.61 -4.26
CA TRP A 108 -17.13 21.42 -5.69
C TRP A 108 -18.11 22.21 -6.54
N THR A 109 -17.62 22.79 -7.64
CA THR A 109 -18.44 23.68 -8.44
C THR A 109 -18.61 23.28 -9.92
N TYR A 110 -17.78 22.38 -10.44
CA TYR A 110 -17.95 22.01 -11.85
C TYR A 110 -19.30 21.31 -12.04
N PRO A 111 -20.17 21.92 -12.85
CA PRO A 111 -21.59 21.53 -12.88
C PRO A 111 -21.81 20.06 -13.23
N LEU A 112 -21.28 19.61 -14.36
CA LEU A 112 -21.49 18.22 -14.76
C LEU A 112 -21.00 17.23 -13.69
N PHE A 113 -19.85 17.55 -13.09
CA PHE A 113 -19.25 16.75 -12.02
C PHE A 113 -20.19 16.69 -10.81
N VAL A 114 -20.68 17.86 -10.40
CA VAL A 114 -21.59 17.92 -9.27
C VAL A 114 -22.88 17.16 -9.54
N ASN A 115 -23.37 17.24 -10.78
CA ASN A 115 -24.61 16.55 -11.13
C ASN A 115 -24.45 15.04 -11.13
N THR A 116 -23.28 14.58 -11.57
CA THR A 116 -22.94 13.17 -11.61
C THR A 116 -22.72 12.65 -10.20
N PHE A 117 -21.99 13.43 -9.40
CA PHE A 117 -21.65 13.05 -8.04
C PHE A 117 -22.34 13.96 -7.02
N SER A 118 -21.60 14.88 -6.42
CA SER A 118 -22.22 15.93 -5.59
C SER A 118 -21.24 17.07 -5.35
N ALA A 119 -21.68 18.09 -4.63
CA ALA A 119 -20.77 19.16 -4.24
C ALA A 119 -20.05 18.86 -2.91
N ASN A 120 -20.39 17.74 -2.29
CA ASN A 120 -19.82 17.40 -0.98
C ASN A 120 -18.35 17.05 -1.06
N ALA A 121 -17.55 17.66 -0.21
CA ALA A 121 -16.17 17.21 -0.01
C ALA A 121 -16.19 16.20 1.13
N LEU A 122 -15.50 15.07 0.94
CA LEU A 122 -15.35 14.08 2.01
C LEU A 122 -14.29 14.60 2.96
N VAL A 123 -14.62 14.69 4.25
CA VAL A 123 -13.67 15.30 5.19
C VAL A 123 -13.31 14.39 6.37
N GLY A 124 -13.91 13.22 6.43
CA GLY A 124 -13.53 12.25 7.45
C GLY A 124 -14.31 10.96 7.37
N LEU A 125 -13.72 9.89 7.90
CA LEU A 125 -14.42 8.59 8.01
C LEU A 125 -14.16 7.99 9.39
N SER A 126 -15.22 7.53 10.03
CA SER A 126 -15.17 6.95 11.38
C SER A 126 -15.77 5.54 11.37
N SER A 127 -15.05 4.57 11.94
CA SER A 127 -15.63 3.25 12.15
C SER A 127 -16.77 3.35 13.15
N CYS A 128 -17.69 2.39 13.08
CA CYS A 128 -18.96 2.46 13.77
C CYS A 128 -19.42 1.13 14.36
N SER A 129 -18.51 0.29 14.82
CA SER A 129 -18.95 -1.01 15.33
C SER A 129 -19.77 -0.81 16.61
N ALA A 130 -19.27 0.07 17.48
CA ALA A 130 -19.83 0.25 18.81
C ALA A 130 -21.20 0.93 18.84
N THR A 131 -21.64 1.30 20.05
CA THR A 131 -22.93 1.96 20.25
C THR A 131 -22.97 3.29 19.50
N GLN A 132 -21.90 4.07 19.63
CA GLN A 132 -21.76 5.28 18.85
C GLN A 132 -20.53 5.16 17.97
N CYS A 133 -20.56 5.78 16.81
CA CYS A 133 -19.41 5.79 15.92
C CYS A 133 -18.23 6.51 16.58
N PHE A 134 -17.03 6.11 16.18
CA PHE A 134 -15.80 6.60 16.78
C PHE A 134 -15.35 7.86 16.03
N GLY A 135 -15.91 8.99 16.42
CA GLY A 135 -15.65 10.25 15.73
C GLY A 135 -16.55 11.34 16.27
N PRO A 136 -16.33 12.57 15.82
CA PRO A 136 -17.09 13.71 16.33
C PRO A 136 -18.52 13.66 15.85
N LYS A 137 -19.41 14.22 16.66
CA LYS A 137 -20.82 14.28 16.33
C LYS A 137 -21.42 15.52 16.95
N LEU A 138 -20.99 16.70 16.48
CA LEU A 138 -21.53 17.96 16.95
C LEU A 138 -22.91 18.21 16.33
N GLU B 24 -10.26 19.28 -18.48
CA GLU B 24 -10.53 17.90 -18.83
C GLU B 24 -11.16 17.18 -17.64
N TRP B 25 -11.88 16.11 -17.93
CA TRP B 25 -12.50 15.31 -16.88
C TRP B 25 -12.78 13.91 -17.38
N THR B 26 -12.57 12.93 -16.51
CA THR B 26 -12.97 11.55 -16.77
C THR B 26 -14.32 11.47 -17.48
N GLY B 27 -15.29 12.27 -17.03
CA GLY B 27 -16.64 12.18 -17.55
C GLY B 27 -16.98 13.02 -18.78
N ASP B 28 -16.00 13.71 -19.36
CA ASP B 28 -16.23 14.45 -20.61
C ASP B 28 -16.89 13.55 -21.63
N ASN B 29 -17.83 14.08 -22.40
CA ASN B 29 -18.52 13.26 -23.40
C ASN B 29 -17.62 12.84 -24.56
N THR B 30 -16.47 13.51 -24.70
CA THR B 30 -15.51 13.15 -25.74
C THR B 30 -14.69 11.93 -25.33
N ASN B 31 -14.83 11.50 -24.07
CA ASN B 31 -14.24 10.24 -23.64
C ASN B 31 -15.18 9.10 -23.96
N ALA B 32 -14.75 7.86 -23.72
CA ALA B 32 -15.60 6.71 -24.00
C ALA B 32 -15.64 5.84 -22.76
N TYR B 33 -16.77 5.18 -22.52
CA TYR B 33 -16.82 4.26 -21.38
C TYR B 33 -17.53 2.95 -21.72
N TYR B 34 -17.20 1.91 -20.96
CA TYR B 34 -17.74 0.57 -21.18
C TYR B 34 -18.18 0.04 -19.82
N SER B 35 -19.46 -0.31 -19.71
CA SER B 35 -20.03 -0.73 -18.44
C SER B 35 -20.03 -2.24 -18.25
N ASP B 36 -20.14 -2.67 -17.00
CA ASP B 36 -20.30 -4.08 -16.69
C ASP B 36 -19.15 -4.91 -17.28
N GLU B 37 -17.93 -4.40 -17.08
CA GLU B 37 -16.71 -5.07 -17.53
C GLU B 37 -15.97 -5.67 -16.33
N VAL B 38 -15.18 -6.70 -16.60
CA VAL B 38 -14.34 -7.29 -15.56
C VAL B 38 -12.90 -7.17 -16.00
N ILE B 39 -12.05 -6.66 -15.12
CA ILE B 39 -10.63 -6.53 -15.44
C ILE B 39 -9.99 -7.91 -15.38
N SER B 40 -9.63 -8.45 -16.53
CA SER B 40 -9.21 -9.84 -16.62
C SER B 40 -7.71 -10.05 -16.75
N GLU B 41 -6.97 -9.01 -17.15
CA GLU B 41 -5.51 -9.13 -17.24
C GLU B 41 -4.86 -7.80 -16.85
N LEU B 42 -3.63 -7.89 -16.39
CA LEU B 42 -2.86 -6.74 -15.93
C LEU B 42 -1.40 -6.90 -16.36
N HIS B 43 -0.82 -5.82 -16.89
CA HIS B 43 0.56 -5.83 -17.32
C HIS B 43 1.26 -4.58 -16.77
N VAL B 44 2.48 -4.74 -16.31
CA VAL B 44 3.29 -3.59 -15.90
C VAL B 44 4.61 -3.57 -16.66
N GLY B 45 5.05 -2.39 -17.09
CA GLY B 45 6.27 -2.31 -17.84
C GLY B 45 6.77 -0.88 -17.83
N GLN B 46 7.71 -0.60 -18.74
CA GLN B 46 8.26 0.74 -18.85
C GLN B 46 8.40 1.14 -20.31
N ILE B 47 8.14 2.41 -20.62
CA ILE B 47 8.33 2.91 -21.97
C ILE B 47 8.79 4.38 -21.94
N ASP B 48 9.84 4.68 -22.69
CA ASP B 48 10.37 6.05 -22.79
C ASP B 48 10.49 6.76 -21.45
N THR B 49 11.18 6.10 -20.52
CA THR B 49 11.50 6.58 -19.17
C THR B 49 10.34 6.47 -18.17
N SER B 50 9.19 5.99 -18.63
CA SER B 50 7.99 5.97 -17.78
C SER B 50 7.49 4.56 -17.46
N PRO B 51 7.34 4.22 -16.17
CA PRO B 51 6.57 3.02 -15.87
C PRO B 51 5.15 3.22 -16.40
N TYR B 52 4.51 2.15 -16.79
CA TYR B 52 3.13 2.20 -17.29
C TYR B 52 2.47 0.89 -16.91
N PHE B 53 1.15 0.86 -16.96
CA PHE B 53 0.45 -0.41 -16.84
C PHE B 53 -0.67 -0.44 -17.85
N CYS B 54 -1.11 -1.64 -18.20
CA CYS B 54 -2.27 -1.80 -19.06
C CYS B 54 -3.17 -2.83 -18.43
N ILE B 55 -4.47 -2.70 -18.69
CA ILE B 55 -5.42 -3.71 -18.28
C ILE B 55 -6.20 -4.16 -19.51
N LYS B 56 -6.67 -5.40 -19.47
CA LYS B 56 -7.65 -5.89 -20.44
C LYS B 56 -8.94 -6.14 -19.67
N THR B 57 -10.08 -5.72 -20.23
CA THR B 57 -11.36 -5.97 -19.59
C THR B 57 -12.28 -6.71 -20.54
N VAL B 58 -13.13 -7.57 -20.01
CA VAL B 58 -14.11 -8.26 -20.84
C VAL B 58 -15.49 -8.13 -20.24
N LYS B 59 -16.51 -8.10 -21.08
CA LYS B 59 -17.88 -8.02 -20.62
C LYS B 59 -18.18 -9.14 -19.63
N ALA B 60 -18.80 -8.79 -18.52
CA ALA B 60 -19.23 -9.80 -17.57
C ALA B 60 -20.18 -10.80 -18.24
N ASN B 61 -21.01 -10.31 -19.16
CA ASN B 61 -21.98 -11.17 -19.84
C ASN B 61 -21.37 -11.95 -20.99
N GLY B 62 -20.07 -11.78 -21.20
CA GLY B 62 -19.36 -12.55 -22.21
C GLY B 62 -19.47 -12.03 -23.64
N SER B 63 -20.21 -10.95 -23.83
CA SER B 63 -20.44 -10.42 -25.18
C SER B 63 -19.32 -9.49 -25.62
N GLY B 64 -19.38 -9.08 -26.89
CA GLY B 64 -18.50 -8.04 -27.41
C GLY B 64 -17.02 -8.36 -27.44
N THR B 65 -16.22 -7.31 -27.51
CA THR B 65 -14.79 -7.39 -27.72
C THR B 65 -14.05 -6.82 -26.51
N PRO B 66 -12.93 -7.44 -26.13
CA PRO B 66 -12.18 -6.95 -24.96
C PRO B 66 -11.78 -5.51 -25.13
N VAL B 67 -11.78 -4.75 -24.04
CA VAL B 67 -11.29 -3.39 -24.04
C VAL B 67 -9.91 -3.38 -23.42
N VAL B 68 -8.96 -2.68 -24.05
CA VAL B 68 -7.62 -2.55 -23.50
C VAL B 68 -7.32 -1.08 -23.28
N ALA B 69 -6.78 -0.75 -22.11
CA ALA B 69 -6.39 0.63 -21.81
C ALA B 69 -5.12 0.66 -20.97
N CYS B 70 -4.34 1.72 -21.14
CA CYS B 70 -3.07 1.84 -20.44
C CYS B 70 -2.97 3.21 -19.80
N ALA B 71 -2.18 3.30 -18.75
CA ALA B 71 -1.84 4.60 -18.15
C ALA B 71 -0.34 4.64 -18.12
N VAL B 72 0.25 5.80 -18.43
CA VAL B 72 1.70 5.93 -18.52
C VAL B 72 2.14 7.09 -17.63
N SER B 73 3.01 6.79 -16.67
CA SER B 73 3.49 7.81 -15.74
C SER B 73 4.12 8.99 -16.48
N LYS B 74 3.76 10.20 -16.07
CA LYS B 74 4.35 11.42 -16.63
C LYS B 74 4.12 11.60 -18.15
N GLN B 75 3.09 10.94 -18.66
CA GLN B 75 2.74 11.09 -20.08
C GLN B 75 1.24 11.25 -20.27
N SER B 76 0.87 12.19 -21.15
CA SER B 76 -0.52 12.53 -21.42
C SER B 76 -1.07 13.45 -20.33
N ILE B 77 -2.20 14.09 -20.60
CA ILE B 77 -2.81 14.96 -19.63
C ILE B 77 -3.25 14.16 -18.38
N TRP B 78 -3.38 12.85 -18.53
CA TRP B 78 -3.84 11.99 -17.43
C TRP B 78 -2.73 11.54 -16.48
N ALA B 79 -1.49 11.99 -16.74
CA ALA B 79 -0.35 11.63 -15.92
C ALA B 79 -0.58 11.72 -14.40
N PRO B 80 -1.17 12.83 -13.95
CA PRO B 80 -1.32 13.02 -12.50
C PRO B 80 -2.04 11.86 -11.80
N SER B 81 -2.94 11.17 -12.48
CA SER B 81 -3.72 10.13 -11.83
C SER B 81 -3.14 8.72 -11.99
N PHE B 82 -1.91 8.63 -12.44
CA PHE B 82 -1.31 7.31 -12.73
C PHE B 82 -1.34 6.37 -11.54
N LYS B 83 -0.83 6.82 -10.41
CA LYS B 83 -0.71 5.95 -9.25
C LYS B 83 -2.09 5.54 -8.72
N GLU B 84 -2.99 6.50 -8.69
N GLU B 84 -3.00 6.50 -8.67
CA GLU B 84 -4.35 6.25 -8.20
CA GLU B 84 -4.35 6.24 -8.20
C GLU B 84 -5.05 5.20 -9.08
C GLU B 84 -5.03 5.18 -9.08
N LEU B 85 -4.90 5.33 -10.39
CA LEU B 85 -5.51 4.37 -11.32
C LEU B 85 -4.85 2.99 -11.24
N LEU B 86 -3.54 2.96 -11.10
CA LEU B 86 -2.84 1.69 -10.93
C LEU B 86 -3.37 0.98 -9.70
N ASP B 87 -3.46 1.70 -8.58
CA ASP B 87 -3.91 1.08 -7.33
C ASP B 87 -5.33 0.56 -7.49
N GLN B 88 -6.18 1.34 -8.15
CA GLN B 88 -7.58 0.99 -8.28
C GLN B 88 -7.78 -0.16 -9.25
N ALA B 89 -7.02 -0.14 -10.34
CA ALA B 89 -7.03 -1.25 -11.29
C ALA B 89 -6.58 -2.55 -10.61
N ARG B 90 -5.52 -2.48 -9.82
CA ARG B 90 -5.09 -3.66 -9.06
C ARG B 90 -6.20 -4.15 -8.15
N TYR B 91 -6.90 -3.22 -7.51
CA TYR B 91 -7.96 -3.64 -6.58
C TYR B 91 -9.09 -4.37 -7.32
N PHE B 92 -9.59 -3.77 -8.39
CA PHE B 92 -10.72 -4.36 -9.12
C PHE B 92 -10.29 -5.65 -9.81
N TYR B 93 -9.02 -5.70 -10.21
CA TYR B 93 -8.46 -6.89 -10.83
C TYR B 93 -8.51 -8.03 -9.82
N SER B 94 -8.14 -7.73 -8.58
CA SER B 94 -8.10 -8.78 -7.57
C SER B 94 -9.48 -9.31 -7.20
N THR B 95 -10.50 -8.45 -7.19
CA THR B 95 -11.84 -8.89 -6.79
C THR B 95 -12.60 -9.51 -7.95
N GLY B 96 -12.30 -9.05 -9.16
CA GLY B 96 -12.98 -9.51 -10.36
C GLY B 96 -14.40 -8.97 -10.48
N GLN B 97 -14.72 -7.90 -9.77
CA GLN B 97 -16.07 -7.36 -9.80
C GLN B 97 -16.33 -6.59 -11.08
N SER B 98 -17.61 -6.32 -11.37
CA SER B 98 -17.96 -5.62 -12.60
C SER B 98 -17.77 -4.12 -12.43
N VAL B 99 -17.10 -3.50 -13.39
CA VAL B 99 -16.83 -2.06 -13.29
C VAL B 99 -17.17 -1.35 -14.58
N ARG B 100 -17.15 -0.03 -14.54
CA ARG B 100 -17.19 0.77 -15.75
C ARG B 100 -15.79 1.29 -15.98
N ILE B 101 -15.27 1.07 -17.16
CA ILE B 101 -13.95 1.53 -17.50
C ILE B 101 -14.10 2.75 -18.38
N HIS B 102 -13.41 3.82 -18.04
CA HIS B 102 -13.48 5.06 -18.82
C HIS B 102 -12.14 5.27 -19.50
N VAL B 103 -12.16 5.61 -20.78
CA VAL B 103 -10.91 5.82 -21.51
C VAL B 103 -10.99 7.07 -22.36
N GLN B 104 -9.84 7.59 -22.78
CA GLN B 104 -9.82 8.52 -23.90
C GLN B 104 -9.10 7.82 -25.06
N LYS B 105 -9.75 7.74 -26.21
CA LYS B 105 -9.15 7.05 -27.35
C LYS B 105 -8.00 7.83 -27.99
N ASN B 106 -7.13 7.10 -28.71
CA ASN B 106 -6.12 7.72 -29.57
C ASN B 106 -5.11 8.63 -28.84
N ILE B 107 -4.67 8.20 -27.67
CA ILE B 107 -3.70 8.97 -26.89
C ILE B 107 -2.26 8.44 -27.06
N TRP B 108 -2.03 7.15 -26.84
CA TRP B 108 -0.70 6.59 -27.04
C TRP B 108 -0.40 6.44 -28.53
N THR B 109 0.78 6.85 -28.95
CA THR B 109 1.11 6.84 -30.38
C THR B 109 2.27 5.93 -30.75
N TYR B 110 2.98 5.38 -29.76
CA TYR B 110 4.08 4.46 -30.05
C TYR B 110 3.51 3.20 -30.72
N PRO B 111 3.82 3.00 -32.01
CA PRO B 111 3.17 1.99 -32.86
C PRO B 111 3.24 0.55 -32.33
N LEU B 112 4.41 0.11 -31.89
CA LEU B 112 4.55 -1.26 -31.38
C LEU B 112 3.73 -1.44 -30.10
N PHE B 113 3.76 -0.42 -29.26
CA PHE B 113 3.05 -0.41 -27.99
C PHE B 113 1.55 -0.47 -28.26
N VAL B 114 1.09 0.37 -29.18
CA VAL B 114 -0.30 0.41 -29.59
C VAL B 114 -0.77 -0.93 -30.18
N ASN B 115 0.07 -1.53 -31.03
CA ASN B 115 -0.24 -2.82 -31.61
C ASN B 115 -0.39 -3.92 -30.56
N THR B 116 0.47 -3.89 -29.55
CA THR B 116 0.43 -4.89 -28.50
C THR B 116 -0.77 -4.65 -27.58
N PHE B 117 -0.99 -3.39 -27.23
CA PHE B 117 -2.04 -3.02 -26.29
C PHE B 117 -3.12 -2.21 -27.01
N SER B 118 -3.13 -0.90 -26.79
CA SER B 118 -3.99 -0.02 -27.59
C SER B 118 -3.57 1.43 -27.44
N ALA B 119 -4.28 2.32 -28.11
CA ALA B 119 -3.99 3.75 -27.98
C ALA B 119 -4.83 4.42 -26.87
N ASN B 120 -5.68 3.62 -26.21
CA ASN B 120 -6.57 4.11 -25.16
C ASN B 120 -5.82 4.49 -23.89
N ALA B 121 -6.01 5.72 -23.44
CA ALA B 121 -5.56 6.06 -22.09
C ALA B 121 -6.69 5.75 -21.10
N LEU B 122 -6.34 5.09 -20.00
CA LEU B 122 -7.29 4.81 -18.92
C LEU B 122 -7.51 6.12 -18.16
N VAL B 123 -8.76 6.51 -17.96
CA VAL B 123 -9.01 7.82 -17.33
C VAL B 123 -9.96 7.75 -16.14
N GLY B 124 -10.55 6.57 -15.92
CA GLY B 124 -11.34 6.37 -14.71
C GLY B 124 -11.83 4.95 -14.55
N LEU B 125 -12.22 4.60 -13.33
CA LEU B 125 -12.84 3.32 -13.02
C LEU B 125 -13.96 3.55 -12.04
N SER B 126 -15.13 2.97 -12.33
CA SER B 126 -16.27 3.10 -11.45
C SER B 126 -16.79 1.74 -11.06
N SER B 127 -17.11 1.52 -9.79
CA SER B 127 -17.81 0.30 -9.41
C SER B 127 -19.25 0.34 -9.91
N CYS B 128 -19.87 -0.83 -9.97
CA CYS B 128 -21.21 -0.96 -10.53
C CYS B 128 -22.06 -1.86 -9.64
N SER B 129 -23.33 -1.53 -9.51
CA SER B 129 -24.29 -2.49 -8.99
C SER B 129 -24.81 -3.22 -10.23
N ALA B 130 -25.76 -4.12 -10.05
CA ALA B 130 -26.33 -4.84 -11.18
C ALA B 130 -27.09 -3.92 -12.13
N THR B 131 -27.56 -2.78 -11.63
CA THR B 131 -28.41 -1.92 -12.43
C THR B 131 -27.80 -0.58 -12.84
N GLN B 132 -26.76 -0.13 -12.13
CA GLN B 132 -26.05 1.04 -12.61
C GLN B 132 -24.63 1.17 -12.07
N CYS B 133 -23.82 1.94 -12.79
CA CYS B 133 -22.45 2.15 -12.38
C CYS B 133 -22.29 3.52 -11.77
N PHE B 134 -21.42 3.63 -10.78
CA PHE B 134 -21.21 4.85 -10.02
C PHE B 134 -20.17 5.72 -10.70
N GLY B 135 -20.59 6.46 -11.71
CA GLY B 135 -19.65 7.28 -12.45
C GLY B 135 -20.37 7.92 -13.60
N PRO B 136 -19.66 8.81 -14.30
CA PRO B 136 -20.28 9.57 -15.38
C PRO B 136 -20.76 8.65 -16.47
N LYS B 137 -21.80 9.13 -17.16
CA LYS B 137 -22.55 8.40 -18.15
C LYS B 137 -23.15 9.47 -19.04
N LEU B 138 -23.36 9.16 -20.31
CA LEU B 138 -23.85 10.16 -21.28
C LEU B 138 -24.99 11.01 -20.72
N GLU C 24 14.04 12.06 21.40
CA GLU C 24 12.79 11.43 21.83
C GLU C 24 12.76 9.99 21.35
N TRP C 25 12.08 9.12 22.09
CA TRP C 25 11.95 7.72 21.71
C TRP C 25 10.63 7.19 22.24
N THR C 26 9.93 6.43 21.41
CA THR C 26 8.77 5.64 21.80
C THR C 26 8.91 5.05 23.21
N GLY C 27 10.08 4.51 23.50
CA GLY C 27 10.33 3.79 24.75
C GLY C 27 10.72 4.63 25.95
N ASP C 28 10.76 5.96 25.81
CA ASP C 28 11.10 6.84 26.94
C ASP C 28 10.18 6.60 28.13
N ASN C 29 10.73 6.63 29.34
CA ASN C 29 9.89 6.36 30.51
C ASN C 29 8.84 7.45 30.76
N THR C 30 8.91 8.54 30.00
CA THR C 30 7.93 9.61 30.14
C THR C 30 6.71 9.37 29.24
N ASN C 31 6.74 8.29 28.48
CA ASN C 31 5.57 7.85 27.76
C ASN C 31 4.89 6.75 28.58
N ALA C 32 3.73 6.30 28.11
CA ALA C 32 2.95 5.29 28.83
C ALA C 32 2.58 4.19 27.83
N TYR C 33 2.36 2.97 28.31
CA TYR C 33 1.92 1.94 27.39
C TYR C 33 0.88 1.00 28.01
N TYR C 34 0.20 0.24 27.16
CA TYR C 34 -0.87 -0.64 27.61
C TYR C 34 -0.78 -1.92 26.79
N SER C 35 -0.67 -3.05 27.47
CA SER C 35 -0.46 -4.34 26.80
C SER C 35 -1.75 -5.14 26.62
N ASP C 36 -1.69 -6.12 25.72
CA ASP C 36 -2.80 -7.05 25.54
C ASP C 36 -4.06 -6.32 25.14
N GLU C 37 -3.88 -5.31 24.29
CA GLU C 37 -4.98 -4.49 23.79
C GLU C 37 -5.30 -4.88 22.35
N VAL C 38 -6.52 -4.58 21.92
CA VAL C 38 -6.88 -4.82 20.53
C VAL C 38 -7.46 -3.56 19.93
N ILE C 39 -7.00 -3.20 18.73
CA ILE C 39 -7.51 -2.00 18.09
C ILE C 39 -8.93 -2.29 17.64
N SER C 40 -9.89 -1.56 18.21
CA SER C 40 -11.30 -1.86 17.94
C SER C 40 -12.02 -0.76 17.15
N GLU C 41 -11.41 0.43 17.02
CA GLU C 41 -12.01 1.47 16.18
C GLU C 41 -10.91 2.27 15.52
N LEU C 42 -11.23 2.88 14.38
CA LEU C 42 -10.29 3.70 13.63
C LEU C 42 -11.05 4.85 12.97
N HIS C 43 -10.49 6.05 13.06
CA HIS C 43 -11.10 7.25 12.48
C HIS C 43 -10.01 8.02 11.75
N VAL C 44 -10.32 8.51 10.55
CA VAL C 44 -9.40 9.42 9.89
C VAL C 44 -10.07 10.75 9.62
N GLY C 45 -9.31 11.83 9.72
CA GLY C 45 -9.85 13.16 9.48
C GLY C 45 -8.73 14.16 9.24
N GLN C 46 -9.06 15.43 9.41
CA GLN C 46 -8.07 16.48 9.26
C GLN C 46 -8.36 17.60 10.23
N ILE C 47 -7.29 18.20 10.77
CA ILE C 47 -7.44 19.37 11.62
C ILE C 47 -6.32 20.37 11.38
N ASP C 48 -6.69 21.64 11.29
CA ASP C 48 -5.73 22.74 11.09
C ASP C 48 -4.70 22.41 10.00
N THR C 49 -5.23 21.94 8.86
CA THR C 49 -4.48 21.55 7.65
C THR C 49 -3.69 20.24 7.77
N SER C 50 -3.83 19.55 8.89
CA SER C 50 -3.09 18.32 9.07
C SER C 50 -3.98 17.09 9.10
N PRO C 51 -3.71 16.14 8.20
CA PRO C 51 -4.35 14.83 8.33
C PRO C 51 -4.04 14.28 9.72
N TYR C 52 -4.97 13.52 10.30
CA TYR C 52 -4.73 12.84 11.57
C TYR C 52 -5.56 11.57 11.57
N PHE C 53 -5.22 10.65 12.46
CA PHE C 53 -6.08 9.50 12.68
C PHE C 53 -6.10 9.20 14.18
N CYS C 54 -7.13 8.47 14.61
CA CYS C 54 -7.25 8.09 16.00
C CYS C 54 -7.63 6.63 16.02
N ILE C 55 -7.24 5.94 17.08
CA ILE C 55 -7.69 4.58 17.32
C ILE C 55 -8.22 4.43 18.74
N LYS C 56 -9.12 3.47 18.91
CA LYS C 56 -9.51 3.05 20.23
C LYS C 56 -9.05 1.61 20.39
N THR C 57 -8.49 1.28 21.55
CA THR C 57 -8.13 -0.09 21.86
C THR C 57 -8.82 -0.53 23.14
N VAL C 58 -9.10 -1.81 23.24
CA VAL C 58 -9.69 -2.37 24.45
C VAL C 58 -8.95 -3.66 24.78
N LYS C 59 -8.97 -4.04 26.05
CA LYS C 59 -8.31 -5.27 26.47
C LYS C 59 -8.90 -6.44 25.69
N ALA C 60 -8.03 -7.33 25.22
CA ALA C 60 -8.48 -8.55 24.56
C ALA C 60 -9.48 -9.29 25.45
N ASN C 61 -9.23 -9.29 26.75
CA ASN C 61 -10.08 -10.05 27.67
C ASN C 61 -11.33 -9.30 28.14
N GLY C 62 -11.55 -8.11 27.60
CA GLY C 62 -12.76 -7.35 27.88
C GLY C 62 -12.72 -6.54 29.17
N SER C 63 -11.64 -6.67 29.93
CA SER C 63 -11.51 -5.93 31.18
C SER C 63 -11.02 -4.50 30.93
N GLY C 64 -10.98 -3.71 32.01
CA GLY C 64 -10.39 -2.38 31.94
C GLY C 64 -11.18 -1.35 31.17
N THR C 65 -10.51 -0.24 30.85
CA THR C 65 -11.14 0.90 30.21
C THR C 65 -10.44 1.18 28.88
N PRO C 66 -11.20 1.54 27.84
CA PRO C 66 -10.58 1.74 26.52
C PRO C 66 -9.45 2.77 26.55
N VAL C 67 -8.49 2.57 25.66
CA VAL C 67 -7.47 3.57 25.42
C VAL C 67 -7.70 4.22 24.06
N VAL C 68 -7.68 5.54 24.02
CA VAL C 68 -7.81 6.27 22.76
C VAL C 68 -6.54 7.09 22.55
N ALA C 69 -6.02 7.08 21.33
CA ALA C 69 -4.84 7.86 20.98
C ALA C 69 -4.93 8.31 19.53
N CYS C 70 -4.29 9.44 19.22
CA CYS C 70 -4.36 9.98 17.87
C CYS C 70 -2.97 10.36 17.43
N ALA C 71 -2.74 10.35 16.13
CA ALA C 71 -1.49 10.87 15.55
C ALA C 71 -1.86 11.98 14.58
N VAL C 72 -1.11 13.08 14.61
CA VAL C 72 -1.45 14.22 13.77
C VAL C 72 -0.25 14.52 12.90
N SER C 73 -0.47 14.58 11.59
CA SER C 73 0.64 14.52 10.63
C SER C 73 1.67 15.64 10.76
N LYS C 74 1.22 16.83 11.16
CA LYS C 74 2.14 17.97 11.19
C LYS C 74 2.36 18.52 12.59
N GLN C 75 1.89 17.82 13.61
CA GLN C 75 1.97 18.35 14.98
C GLN C 75 2.56 17.40 15.99
N SER C 76 3.23 17.99 16.97
CA SER C 76 3.93 17.26 18.02
C SER C 76 5.24 16.69 17.50
N ILE C 77 6.10 16.31 18.43
CA ILE C 77 7.41 15.77 18.09
C ILE C 77 7.23 14.44 17.34
N TRP C 78 6.03 13.87 17.41
CA TRP C 78 5.79 12.53 16.85
C TRP C 78 5.33 12.59 15.38
N ALA C 79 5.23 13.80 14.84
CA ALA C 79 4.76 14.00 13.48
C ALA C 79 5.41 13.08 12.43
N PRO C 80 6.72 12.89 12.49
CA PRO C 80 7.40 12.14 11.43
C PRO C 80 6.93 10.69 11.26
N SER C 81 6.37 10.10 12.31
CA SER C 81 6.00 8.68 12.22
C SER C 81 4.53 8.46 11.89
N PHE C 82 3.82 9.54 11.52
CA PHE C 82 2.41 9.46 11.17
C PHE C 82 2.07 8.34 10.18
N LYS C 83 2.72 8.32 9.02
CA LYS C 83 2.34 7.37 7.97
C LYS C 83 2.59 5.93 8.40
N GLU C 84 3.74 5.69 9.05
CA GLU C 84 4.11 4.33 9.46
C GLU C 84 3.17 3.80 10.54
N LEU C 85 2.79 4.67 11.47
CA LEU C 85 1.87 4.26 12.52
C LEU C 85 0.43 4.10 12.01
N LEU C 86 0.02 4.94 11.05
CA LEU C 86 -1.30 4.77 10.43
C LEU C 86 -1.38 3.41 9.73
N ASP C 87 -0.38 3.11 8.92
CA ASP C 87 -0.35 1.82 8.23
C ASP C 87 -0.33 0.67 9.24
N GLN C 88 0.45 0.82 10.30
CA GLN C 88 0.59 -0.27 11.25
C GLN C 88 -0.71 -0.46 12.03
N ALA C 89 -1.33 0.65 12.43
CA ALA C 89 -2.62 0.62 13.08
C ALA C 89 -3.63 -0.07 12.18
N ARG C 90 -3.66 0.28 10.90
CA ARG C 90 -4.60 -0.34 9.97
C ARG C 90 -4.39 -1.85 9.94
N TYR C 91 -3.13 -2.25 9.94
CA TYR C 91 -2.82 -3.67 9.85
C TYR C 91 -3.37 -4.42 11.07
N PHE C 92 -3.05 -3.91 12.26
CA PHE C 92 -3.40 -4.58 13.50
C PHE C 92 -4.91 -4.54 13.72
N TYR C 93 -5.52 -3.47 13.26
CA TYR C 93 -6.98 -3.33 13.28
C TYR C 93 -7.60 -4.42 12.40
N SER C 94 -6.97 -4.71 11.27
CA SER C 94 -7.54 -5.70 10.36
C SER C 94 -7.37 -7.13 10.89
N THR C 95 -6.27 -7.41 11.58
CA THR C 95 -6.08 -8.76 12.12
C THR C 95 -6.77 -8.98 13.46
N GLY C 96 -7.00 -7.91 14.22
CA GLY C 96 -7.54 -8.04 15.57
C GLY C 96 -6.59 -8.67 16.60
N GLN C 97 -5.31 -8.70 16.28
CA GLN C 97 -4.37 -9.37 17.17
C GLN C 97 -4.04 -8.48 18.37
N SER C 98 -3.59 -9.08 19.46
CA SER C 98 -3.28 -8.31 20.66
C SER C 98 -1.98 -7.53 20.50
N VAL C 99 -1.99 -6.26 20.91
CA VAL C 99 -0.82 -5.41 20.75
C VAL C 99 -0.54 -4.63 22.04
N ARG C 100 0.63 -4.01 22.09
CA ARG C 100 0.91 -3.02 23.13
C ARG C 100 0.86 -1.65 22.47
N ILE C 101 0.06 -0.75 23.02
CA ILE C 101 -0.06 0.59 22.45
C ILE C 101 0.75 1.54 23.32
N HIS C 102 1.58 2.34 22.67
CA HIS C 102 2.45 3.29 23.36
C HIS C 102 1.93 4.69 23.10
N VAL C 103 1.79 5.48 24.16
CA VAL C 103 1.30 6.85 23.98
C VAL C 103 2.13 7.83 24.80
N GLN C 104 2.03 9.11 24.43
CA GLN C 104 2.43 10.17 25.34
C GLN C 104 1.17 10.94 25.74
N LYS C 105 0.92 11.05 27.03
CA LYS C 105 -0.31 11.66 27.53
C LYS C 105 -0.26 13.20 27.43
N ASN C 106 -1.45 13.81 27.44
CA ASN C 106 -1.56 15.26 27.57
C ASN C 106 -0.87 16.06 26.45
N ILE C 107 -1.07 15.61 25.21
CA ILE C 107 -0.45 16.28 24.07
C ILE C 107 -1.43 17.13 23.27
N TRP C 108 -2.57 16.57 22.87
CA TRP C 108 -3.54 17.33 22.08
C TRP C 108 -4.30 18.28 23.01
N THR C 109 -4.65 19.45 22.52
CA THR C 109 -5.24 20.47 23.38
C THR C 109 -6.59 21.05 22.93
N TYR C 110 -7.00 20.81 21.68
CA TYR C 110 -8.27 21.38 21.21
C TYR C 110 -9.40 20.66 21.93
N PRO C 111 -10.10 21.38 22.84
CA PRO C 111 -11.09 20.74 23.72
C PRO C 111 -12.09 19.82 23.03
N LEU C 112 -12.72 20.25 21.94
CA LEU C 112 -13.70 19.41 21.26
C LEU C 112 -13.06 18.13 20.72
N PHE C 113 -11.80 18.25 20.29
CA PHE C 113 -11.03 17.11 19.77
C PHE C 113 -10.75 16.15 20.91
N VAL C 114 -10.23 16.70 22.01
CA VAL C 114 -9.85 15.88 23.15
C VAL C 114 -11.06 15.16 23.72
N ASN C 115 -12.18 15.88 23.82
CA ASN C 115 -13.41 15.31 24.34
C ASN C 115 -13.99 14.21 23.44
N THR C 116 -13.79 14.35 22.13
CA THR C 116 -14.22 13.33 21.17
C THR C 116 -13.31 12.12 21.25
N PHE C 117 -12.02 12.39 21.36
CA PHE C 117 -11.01 11.36 21.33
C PHE C 117 -10.24 11.34 22.65
N SER C 118 -9.01 11.84 22.65
CA SER C 118 -8.28 12.04 23.90
C SER C 118 -7.10 12.97 23.67
N ALA C 119 -6.32 13.23 24.71
CA ALA C 119 -5.12 14.03 24.53
C ALA C 119 -3.90 13.14 24.25
N ASN C 120 -4.10 11.83 24.15
CA ASN C 120 -2.98 10.92 23.95
C ASN C 120 -2.44 10.97 22.53
N ALA C 121 -1.14 11.21 22.39
CA ALA C 121 -0.47 11.08 21.11
C ALA C 121 -0.05 9.64 20.93
N LEU C 122 -0.24 9.07 19.75
CA LEU C 122 0.14 7.67 19.51
C LEU C 122 1.62 7.65 19.13
N VAL C 123 2.43 6.88 19.85
CA VAL C 123 3.87 6.94 19.60
C VAL C 123 4.51 5.59 19.26
N GLY C 124 3.75 4.51 19.35
CA GLY C 124 4.26 3.20 18.97
C GLY C 124 3.23 2.10 19.06
N LEU C 125 3.49 1.00 18.35
CA LEU C 125 2.64 -0.19 18.39
C LEU C 125 3.55 -1.40 18.37
N SER C 126 3.30 -2.35 19.27
CA SER C 126 4.10 -3.58 19.38
C SER C 126 3.19 -4.80 19.37
N SER C 127 3.56 -5.82 18.60
CA SER C 127 2.85 -7.09 18.64
C SER C 127 3.07 -7.75 20.00
N CYS C 128 2.08 -8.51 20.46
CA CYS C 128 2.14 -9.16 21.76
C CYS C 128 1.98 -10.66 21.61
N SER C 129 2.69 -11.41 22.44
CA SER C 129 2.46 -12.84 22.55
C SER C 129 1.69 -13.10 23.84
N ALA C 130 1.49 -14.36 24.17
CA ALA C 130 0.73 -14.72 25.35
C ALA C 130 1.32 -14.12 26.62
N THR C 131 2.65 -14.09 26.68
CA THR C 131 3.35 -13.83 27.92
C THR C 131 4.11 -12.50 27.95
N GLN C 132 4.24 -11.88 26.79
CA GLN C 132 4.98 -10.63 26.70
C GLN C 132 4.75 -9.95 25.36
N CYS C 133 5.16 -8.69 25.28
CA CYS C 133 5.05 -7.92 24.04
C CYS C 133 6.43 -7.55 23.55
N PHE C 134 6.53 -7.31 22.24
CA PHE C 134 7.80 -7.01 21.62
C PHE C 134 7.95 -5.51 21.50
N GLY C 135 8.37 -4.87 22.59
CA GLY C 135 8.48 -3.43 22.61
C GLY C 135 9.00 -2.95 23.95
N PRO C 136 9.28 -1.65 24.05
CA PRO C 136 9.79 -1.16 25.33
C PRO C 136 8.77 -1.31 26.44
N LYS C 137 9.29 -1.43 27.65
CA LYS C 137 8.53 -1.49 28.88
C LYS C 137 9.53 -1.24 29.99
N LEU C 138 9.08 -0.67 31.11
CA LEU C 138 9.97 -0.27 32.19
C LEU C 138 10.31 -1.42 33.14
N GLU D 24 28.60 -0.71 -0.51
CA GLU D 24 28.00 -1.68 0.40
C GLU D 24 26.99 -2.59 -0.31
N TRP D 25 26.78 -3.77 0.25
CA TRP D 25 25.78 -4.68 -0.27
C TRP D 25 25.23 -5.54 0.85
N THR D 26 23.94 -5.82 0.79
CA THR D 26 23.30 -6.78 1.67
C THR D 26 24.15 -8.02 1.85
N GLY D 27 24.76 -8.47 0.76
CA GLY D 27 25.46 -9.73 0.73
C GLY D 27 26.93 -9.69 1.13
N ASP D 28 27.42 -8.51 1.51
CA ASP D 28 28.80 -8.37 1.97
C ASP D 28 29.07 -9.42 3.04
N ASN D 29 30.22 -10.10 2.96
CA ASN D 29 30.52 -11.15 3.92
C ASN D 29 30.73 -10.62 5.34
N THR D 30 30.80 -9.30 5.48
CA THR D 30 30.93 -8.65 6.79
C THR D 30 29.55 -8.42 7.43
N ASN D 31 28.51 -8.79 6.71
CA ASN D 31 27.18 -8.82 7.32
C ASN D 31 26.95 -10.23 7.85
N ALA D 32 25.86 -10.41 8.59
CA ALA D 32 25.51 -11.73 9.11
C ALA D 32 24.12 -12.09 8.63
N TYR D 33 23.82 -13.37 8.55
CA TYR D 33 22.47 -13.77 8.17
C TYR D 33 22.04 -15.05 8.88
N TYR D 34 20.73 -15.25 8.93
CA TYR D 34 20.14 -16.35 9.66
C TYR D 34 19.03 -16.94 8.79
N SER D 35 19.13 -18.23 8.51
CA SER D 35 18.25 -18.88 7.55
C SER D 35 17.10 -19.61 8.23
N ASP D 36 16.05 -19.87 7.47
CA ASP D 36 14.95 -20.70 7.92
C ASP D 36 14.35 -20.10 9.19
N GLU D 37 14.20 -18.78 9.19
CA GLU D 37 13.61 -18.05 10.31
C GLU D 37 12.19 -17.64 9.95
N VAL D 38 11.39 -17.36 10.97
CA VAL D 38 10.06 -16.81 10.77
C VAL D 38 10.00 -15.49 11.49
N ILE D 39 9.44 -14.46 10.86
CA ILE D 39 9.26 -13.19 11.54
C ILE D 39 8.13 -13.32 12.56
N SER D 40 8.47 -13.31 13.85
CA SER D 40 7.51 -13.67 14.88
C SER D 40 6.88 -12.48 15.59
N GLU D 41 7.55 -11.33 15.51
CA GLU D 41 7.02 -10.11 16.11
C GLU D 41 7.44 -8.88 15.32
N LEU D 42 6.63 -7.82 15.42
CA LEU D 42 6.86 -6.57 14.70
C LEU D 42 6.51 -5.39 15.61
N HIS D 43 7.36 -4.37 15.58
CA HIS D 43 7.17 -3.17 16.39
C HIS D 43 7.45 -1.96 15.50
N VAL D 44 6.62 -0.94 15.61
CA VAL D 44 6.86 0.34 14.95
C VAL D 44 6.91 1.46 15.99
N GLY D 45 7.90 2.33 15.87
CA GLY D 45 8.03 3.45 16.79
C GLY D 45 8.70 4.62 16.12
N GLN D 46 9.19 5.55 16.94
CA GLN D 46 9.96 6.67 16.45
C GLN D 46 11.14 6.91 17.36
N ILE D 47 12.26 7.32 16.77
CA ILE D 47 13.41 7.73 17.55
C ILE D 47 14.21 8.82 16.85
N ASP D 48 14.53 9.87 17.61
CA ASP D 48 15.28 11.00 17.10
C ASP D 48 14.82 11.46 15.71
N THR D 49 13.52 11.76 15.63
CA THR D 49 12.82 12.29 14.46
C THR D 49 12.50 11.26 13.39
N SER D 50 12.87 10.00 13.60
CA SER D 50 12.72 8.97 12.56
C SER D 50 11.76 7.84 12.91
N PRO D 51 10.75 7.59 12.05
CA PRO D 51 10.04 6.34 12.30
C PRO D 51 11.00 5.17 12.14
N TYR D 52 10.76 4.10 12.89
CA TYR D 52 11.58 2.91 12.74
C TYR D 52 10.70 1.69 12.95
N PHE D 53 11.21 0.53 12.55
CA PHE D 53 10.57 -0.72 12.92
C PHE D 53 11.63 -1.73 13.33
N CYS D 54 11.22 -2.69 14.15
CA CYS D 54 12.10 -3.77 14.56
C CYS D 54 11.35 -5.08 14.37
N ILE D 55 12.07 -6.14 14.08
CA ILE D 55 11.43 -7.44 14.00
C ILE D 55 12.15 -8.42 14.89
N LYS D 56 11.42 -9.44 15.32
CA LYS D 56 12.02 -10.56 16.01
C LYS D 56 11.77 -11.77 15.13
N THR D 57 12.80 -12.58 14.93
CA THR D 57 12.65 -13.78 14.14
C THR D 57 13.10 -14.97 14.95
N VAL D 58 12.47 -16.12 14.70
CA VAL D 58 12.87 -17.36 15.37
C VAL D 58 12.97 -18.46 14.33
N LYS D 59 13.70 -19.50 14.65
CA LYS D 59 13.79 -20.64 13.74
C LYS D 59 12.42 -21.22 13.43
N ALA D 60 12.19 -21.50 12.15
CA ALA D 60 10.97 -22.15 11.72
C ALA D 60 10.71 -23.42 12.53
N ASN D 61 11.78 -24.09 12.92
CA ASN D 61 11.65 -25.35 13.67
C ASN D 61 11.65 -25.17 15.19
N GLY D 62 11.74 -23.92 15.65
CA GLY D 62 11.63 -23.64 17.08
C GLY D 62 12.92 -23.73 17.87
N SER D 63 14.01 -24.10 17.21
CA SER D 63 15.30 -24.25 17.88
C SER D 63 16.03 -22.92 18.01
N GLY D 64 17.17 -22.92 18.71
CA GLY D 64 18.06 -21.76 18.74
C GLY D 64 17.58 -20.52 19.45
N THR D 65 18.23 -19.40 19.13
CA THR D 65 17.99 -18.14 19.82
C THR D 65 17.41 -17.07 18.88
N PRO D 66 16.42 -16.32 19.37
CA PRO D 66 15.76 -15.33 18.50
C PRO D 66 16.73 -14.27 17.99
N VAL D 67 16.43 -13.71 16.83
CA VAL D 67 17.21 -12.63 16.26
C VAL D 67 16.37 -11.37 16.25
N VAL D 68 16.98 -10.24 16.62
CA VAL D 68 16.28 -8.96 16.61
C VAL D 68 17.04 -7.98 15.71
N ALA D 69 16.29 -7.28 14.85
CA ALA D 69 16.89 -6.33 13.93
C ALA D 69 15.95 -5.16 13.70
N CYS D 70 16.52 -3.99 13.45
CA CYS D 70 15.72 -2.80 13.27
C CYS D 70 16.13 -2.03 12.01
N ALA D 71 15.20 -1.30 11.43
CA ALA D 71 15.50 -0.35 10.36
C ALA D 71 14.98 1.01 10.79
N VAL D 72 15.76 2.07 10.51
CA VAL D 72 15.42 3.40 10.98
C VAL D 72 15.43 4.38 9.81
N SER D 73 14.30 5.02 9.59
CA SER D 73 14.17 5.96 8.48
C SER D 73 15.20 7.06 8.54
N LYS D 74 15.81 7.36 7.39
CA LYS D 74 16.81 8.43 7.27
C LYS D 74 18.01 8.27 8.20
N GLN D 75 18.26 7.04 8.65
CA GLN D 75 19.44 6.77 9.48
C GLN D 75 20.21 5.54 9.02
N SER D 76 21.54 5.66 9.01
CA SER D 76 22.47 4.60 8.60
C SER D 76 22.58 4.53 7.08
N ILE D 77 23.63 3.88 6.60
CA ILE D 77 23.85 3.73 5.17
C ILE D 77 22.66 3.01 4.51
N TRP D 78 21.89 2.28 5.32
CA TRP D 78 20.80 1.45 4.80
C TRP D 78 19.48 2.21 4.68
N ALA D 79 19.51 3.49 5.04
CA ALA D 79 18.32 4.34 5.01
C ALA D 79 17.52 4.25 3.70
N PRO D 80 18.21 4.23 2.56
CA PRO D 80 17.45 4.24 1.31
C PRO D 80 16.46 3.08 1.21
N SER D 81 16.75 1.97 1.88
CA SER D 81 15.91 0.77 1.74
C SER D 81 14.84 0.64 2.82
N PHE D 82 14.69 1.66 3.64
CA PHE D 82 13.75 1.57 4.77
C PHE D 82 12.33 1.14 4.38
N LYS D 83 11.73 1.82 3.40
CA LYS D 83 10.35 1.52 3.02
C LYS D 83 10.21 0.13 2.41
N GLU D 84 11.16 -0.23 1.56
N GLU D 84 11.17 -0.22 1.56
CA GLU D 84 11.16 -1.54 0.93
CA GLU D 84 11.23 -1.53 0.90
C GLU D 84 11.26 -2.64 1.99
C GLU D 84 11.30 -2.64 1.94
N LEU D 85 12.11 -2.43 2.98
CA LEU D 85 12.31 -3.44 4.02
C LEU D 85 11.09 -3.51 4.94
N LEU D 86 10.52 -2.36 5.28
CA LEU D 86 9.32 -2.32 6.09
C LEU D 86 8.19 -3.08 5.40
N ASP D 87 7.98 -2.80 4.12
CA ASP D 87 6.93 -3.45 3.35
C ASP D 87 7.16 -4.95 3.30
N GLN D 88 8.41 -5.34 3.12
CA GLN D 88 8.71 -6.76 2.95
C GLN D 88 8.60 -7.51 4.27
N ALA D 89 9.02 -6.86 5.36
CA ALA D 89 8.90 -7.44 6.69
C ALA D 89 7.44 -7.66 7.05
N ARG D 90 6.59 -6.65 6.78
CA ARG D 90 5.17 -6.79 7.04
C ARG D 90 4.58 -7.95 6.26
N TYR D 91 4.99 -8.10 5.00
CA TYR D 91 4.50 -9.21 4.19
C TYR D 91 4.90 -10.56 4.76
N PHE D 92 6.20 -10.74 4.99
CA PHE D 92 6.69 -12.02 5.50
C PHE D 92 6.15 -12.30 6.91
N TYR D 93 5.94 -11.25 7.70
CA TYR D 93 5.33 -11.38 9.01
C TYR D 93 3.89 -11.89 8.89
N SER D 94 3.14 -11.33 7.94
CA SER D 94 1.74 -11.72 7.78
C SER D 94 1.58 -13.16 7.27
N THR D 95 2.55 -13.66 6.51
CA THR D 95 2.45 -15.04 5.99
C THR D 95 3.02 -16.09 6.94
N GLY D 96 3.99 -15.69 7.77
CA GLY D 96 4.63 -16.62 8.68
C GLY D 96 5.57 -17.58 7.98
N GLN D 97 5.93 -17.24 6.74
CA GLN D 97 6.78 -18.14 5.96
C GLN D 97 8.24 -18.04 6.35
N SER D 98 8.97 -19.08 5.99
CA SER D 98 10.38 -19.19 6.32
C SER D 98 11.22 -18.25 5.44
N VAL D 99 12.11 -17.51 6.09
CA VAL D 99 12.88 -16.48 5.40
C VAL D 99 14.32 -16.47 5.89
N ARG D 100 15.22 -15.89 5.10
CA ARG D 100 16.56 -15.58 5.61
C ARG D 100 16.61 -14.10 5.94
N ILE D 101 17.05 -13.78 7.16
CA ILE D 101 17.21 -12.40 7.56
C ILE D 101 18.69 -12.00 7.50
N HIS D 102 18.96 -10.85 6.89
CA HIS D 102 20.33 -10.35 6.75
C HIS D 102 20.49 -9.08 7.59
N VAL D 103 21.54 -9.02 8.40
CA VAL D 103 21.78 -7.85 9.26
C VAL D 103 23.22 -7.35 9.20
N GLN D 104 23.42 -6.09 9.56
CA GLN D 104 24.76 -5.60 9.84
C GLN D 104 24.79 -5.26 11.32
N LYS D 105 25.76 -5.81 12.04
CA LYS D 105 25.80 -5.63 13.49
C LYS D 105 26.32 -4.23 13.87
N ASN D 106 25.99 -3.81 15.10
CA ASN D 106 26.65 -2.67 15.71
C ASN D 106 26.47 -1.34 14.98
N ILE D 107 25.24 -1.10 14.52
CA ILE D 107 24.90 0.12 13.80
C ILE D 107 24.18 1.15 14.69
N TRP D 108 23.15 0.71 15.40
CA TRP D 108 22.40 1.61 16.28
C TRP D 108 23.18 1.78 17.57
N THR D 109 23.34 3.02 18.02
CA THR D 109 24.13 3.31 19.19
C THR D 109 23.33 3.85 20.36
N TYR D 110 22.08 4.25 20.14
CA TYR D 110 21.29 4.77 21.24
C TYR D 110 21.15 3.67 22.30
N PRO D 111 21.70 3.89 23.50
CA PRO D 111 21.84 2.82 24.50
C PRO D 111 20.53 2.18 24.97
N LEU D 112 19.51 2.96 25.27
CA LEU D 112 18.26 2.38 25.77
C LEU D 112 17.57 1.60 24.67
N PHE D 113 17.66 2.11 23.46
CA PHE D 113 17.07 1.49 22.29
C PHE D 113 17.74 0.15 22.07
N VAL D 114 19.07 0.14 22.10
CA VAL D 114 19.82 -1.10 21.90
C VAL D 114 19.50 -2.12 22.96
N ASN D 115 19.37 -1.67 24.21
CA ASN D 115 19.05 -2.55 25.32
C ASN D 115 17.70 -3.26 25.13
N THR D 116 16.74 -2.52 24.58
CA THR D 116 15.40 -3.04 24.37
C THR D 116 15.32 -3.94 23.15
N PHE D 117 15.96 -3.50 22.06
CA PHE D 117 15.95 -4.22 20.80
C PHE D 117 17.34 -4.77 20.50
N SER D 118 18.06 -4.10 19.61
CA SER D 118 19.48 -4.40 19.44
C SER D 118 20.14 -3.38 18.51
N ALA D 119 21.42 -3.54 18.26
CA ALA D 119 22.16 -2.59 17.44
C ALA D 119 22.17 -3.09 15.99
N ASN D 120 21.53 -4.23 15.75
CA ASN D 120 21.50 -4.79 14.38
C ASN D 120 20.67 -3.95 13.43
N ALA D 121 21.27 -3.53 12.32
CA ALA D 121 20.49 -2.99 11.21
C ALA D 121 19.98 -4.13 10.34
N LEU D 122 18.69 -4.10 10.00
CA LEU D 122 18.14 -5.04 9.02
C LEU D 122 18.59 -4.57 7.64
N VAL D 123 19.18 -5.46 6.84
CA VAL D 123 19.71 -5.05 5.54
C VAL D 123 19.18 -5.88 4.35
N GLY D 124 18.41 -6.93 4.62
CA GLY D 124 17.85 -7.75 3.56
C GLY D 124 16.94 -8.84 4.10
N LEU D 125 16.06 -9.34 3.23
CA LEU D 125 15.16 -10.42 3.56
C LEU D 125 15.00 -11.31 2.34
N SER D 126 15.08 -12.63 2.53
CA SER D 126 15.01 -13.58 1.43
C SER D 126 14.02 -14.70 1.75
N SER D 127 13.15 -15.03 0.82
CA SER D 127 12.27 -16.19 1.00
C SER D 127 13.10 -17.48 0.96
N CYS D 128 12.67 -18.47 1.74
CA CYS D 128 13.38 -19.75 1.82
C CYS D 128 12.45 -20.92 1.45
N SER D 129 12.92 -21.80 0.58
CA SER D 129 12.25 -23.08 0.40
C SER D 129 12.74 -24.01 1.49
N ALA D 130 12.41 -25.29 1.40
CA ALA D 130 12.88 -26.26 2.38
C ALA D 130 14.34 -26.57 2.14
N THR D 131 14.82 -26.30 0.93
CA THR D 131 16.17 -26.72 0.55
C THR D 131 17.16 -25.57 0.46
N GLN D 132 16.67 -24.36 0.21
CA GLN D 132 17.56 -23.23 0.01
C GLN D 132 16.86 -21.91 0.26
N CYS D 133 17.65 -20.89 0.57
CA CYS D 133 17.14 -19.54 0.68
C CYS D 133 17.56 -18.74 -0.54
N PHE D 134 16.69 -17.86 -1.02
CA PHE D 134 16.95 -17.10 -2.23
C PHE D 134 17.65 -15.80 -1.91
N GLY D 135 18.97 -15.85 -1.81
CA GLY D 135 19.74 -14.69 -1.44
C GLY D 135 21.20 -15.04 -1.20
N PRO D 136 22.01 -14.02 -0.90
CA PRO D 136 23.45 -14.22 -0.70
C PRO D 136 23.74 -15.07 0.53
N LYS D 137 24.86 -15.79 0.47
CA LYS D 137 25.26 -16.70 1.52
C LYS D 137 26.78 -16.83 1.52
N GLU E 24 13.29 3.29 -25.10
CA GLU E 24 13.30 1.92 -24.60
C GLU E 24 11.89 1.47 -24.21
N TRP E 25 11.62 0.19 -24.40
CA TRP E 25 10.31 -0.38 -24.06
C TRP E 25 10.48 -1.82 -23.58
N THR E 26 9.72 -2.17 -22.55
CA THR E 26 9.59 -3.54 -22.10
C THR E 26 9.52 -4.56 -23.24
N GLY E 27 8.73 -4.23 -24.26
CA GLY E 27 8.46 -5.17 -25.34
C GLY E 27 9.46 -5.18 -26.48
N ASP E 28 10.52 -4.39 -26.37
CA ASP E 28 11.56 -4.33 -27.40
C ASP E 28 12.08 -5.75 -27.71
N ASN E 29 12.32 -6.05 -28.98
CA ASN E 29 12.75 -7.40 -29.34
C ASN E 29 14.20 -7.72 -28.91
N THR E 30 14.85 -6.77 -28.26
CA THR E 30 16.19 -6.99 -27.69
C THR E 30 16.07 -7.41 -26.23
N ASN E 31 14.85 -7.40 -25.72
CA ASN E 31 14.56 -7.98 -24.43
C ASN E 31 14.12 -9.41 -24.63
N ALA E 32 14.00 -10.15 -23.55
CA ALA E 32 13.64 -11.57 -23.65
C ALA E 32 12.51 -11.81 -22.68
N TYR E 33 11.64 -12.77 -22.99
CA TYR E 33 10.57 -13.07 -22.05
C TYR E 33 10.37 -14.57 -21.87
N TYR E 34 9.72 -14.94 -20.77
CA TYR E 34 9.44 -16.33 -20.46
C TYR E 34 8.00 -16.42 -20.03
N SER E 35 7.22 -17.24 -20.74
CA SER E 35 5.80 -17.31 -20.46
C SER E 35 5.45 -18.42 -19.49
N ASP E 36 4.27 -18.30 -18.86
CA ASP E 36 3.70 -19.36 -18.03
C ASP E 36 4.61 -19.73 -16.87
N GLU E 37 5.17 -18.70 -16.25
CA GLU E 37 6.06 -18.84 -15.11
C GLU E 37 5.32 -18.50 -13.83
N VAL E 38 5.77 -19.05 -12.71
CA VAL E 38 5.25 -18.65 -11.42
C VAL E 38 6.40 -18.04 -10.63
N ILE E 39 6.15 -16.91 -9.96
CA ILE E 39 7.20 -16.33 -9.12
C ILE E 39 7.30 -17.16 -7.84
N SER E 40 8.44 -17.81 -7.66
CA SER E 40 8.58 -18.82 -6.60
C SER E 40 9.42 -18.33 -5.43
N GLU E 41 10.19 -17.26 -5.63
CA GLU E 41 11.02 -16.71 -4.57
C GLU E 41 11.17 -15.21 -4.71
N LEU E 42 11.37 -14.53 -3.58
CA LEU E 42 11.49 -13.08 -3.57
C LEU E 42 12.55 -12.63 -2.56
N HIS E 43 13.39 -11.69 -2.97
CA HIS E 43 14.47 -11.18 -2.13
C HIS E 43 14.51 -9.67 -2.20
N VAL E 44 14.71 -9.03 -1.06
CA VAL E 44 14.90 -7.58 -1.05
C VAL E 44 16.19 -7.22 -0.35
N GLY E 45 16.90 -6.22 -0.87
CA GLY E 45 18.17 -5.83 -0.29
C GLY E 45 18.58 -4.44 -0.73
N GLN E 46 19.83 -4.08 -0.47
CA GLN E 46 20.35 -2.81 -0.94
C GLN E 46 21.74 -3.02 -1.48
N ILE E 47 22.09 -2.26 -2.53
CA ILE E 47 23.46 -2.27 -3.03
C ILE E 47 23.86 -0.88 -3.51
N ASP E 48 25.05 -0.44 -3.12
CA ASP E 48 25.55 0.87 -3.52
C ASP E 48 24.50 2.00 -3.40
N THR E 49 23.96 2.16 -2.21
CA THR E 49 22.96 3.19 -1.88
C THR E 49 21.58 2.93 -2.48
N SER E 50 21.43 1.84 -3.24
CA SER E 50 20.18 1.58 -3.92
C SER E 50 19.42 0.37 -3.41
N PRO E 51 18.14 0.57 -3.05
CA PRO E 51 17.28 -0.59 -2.85
C PRO E 51 17.28 -1.43 -4.13
N TYR E 52 17.19 -2.75 -3.98
CA TYR E 52 16.97 -3.63 -5.13
C TYR E 52 16.09 -4.80 -4.69
N PHE E 53 15.56 -5.54 -5.65
CA PHE E 53 14.90 -6.80 -5.35
C PHE E 53 15.18 -7.80 -6.45
N CYS E 54 15.01 -9.07 -6.13
CA CYS E 54 15.19 -10.10 -7.12
C CYS E 54 14.04 -11.08 -6.99
N ILE E 55 13.68 -11.71 -8.11
CA ILE E 55 12.70 -12.79 -8.06
C ILE E 55 13.26 -13.99 -8.80
N LYS E 56 12.83 -15.17 -8.39
CA LYS E 56 13.09 -16.39 -9.13
C LYS E 56 11.77 -16.91 -9.64
N THR E 57 11.73 -17.35 -10.88
CA THR E 57 10.50 -17.88 -11.44
C THR E 57 10.75 -19.24 -12.06
N VAL E 58 9.72 -20.08 -12.05
CA VAL E 58 9.79 -21.40 -12.66
C VAL E 58 8.52 -21.64 -13.46
N LYS E 59 8.62 -22.48 -14.49
CA LYS E 59 7.46 -22.83 -15.29
C LYS E 59 6.36 -23.41 -14.41
N ALA E 60 5.14 -22.94 -14.60
CA ALA E 60 4.00 -23.47 -13.89
C ALA E 60 3.84 -24.98 -14.09
N ASN E 61 4.29 -25.48 -15.25
CA ASN E 61 4.12 -26.92 -15.55
C ASN E 61 5.33 -27.79 -15.17
N GLY E 62 6.29 -27.20 -14.46
CA GLY E 62 7.41 -27.97 -13.93
C GLY E 62 8.61 -28.14 -14.85
N SER E 63 8.44 -27.80 -16.12
CA SER E 63 9.52 -27.95 -17.09
C SER E 63 10.62 -26.91 -16.93
N GLY E 64 11.69 -27.07 -17.70
CA GLY E 64 12.70 -26.04 -17.87
C GLY E 64 13.55 -25.68 -16.66
N THR E 65 14.25 -24.55 -16.78
CA THR E 65 15.15 -24.05 -15.75
C THR E 65 14.58 -22.78 -15.14
N PRO E 66 14.89 -22.52 -13.86
CA PRO E 66 14.42 -21.29 -13.21
C PRO E 66 14.94 -20.06 -13.92
N VAL E 67 14.16 -18.98 -13.88
CA VAL E 67 14.60 -17.66 -14.35
C VAL E 67 14.81 -16.77 -13.13
N VAL E 68 15.93 -16.03 -13.10
CA VAL E 68 16.19 -15.10 -12.01
C VAL E 68 16.40 -13.70 -12.60
N ALA E 69 15.74 -12.70 -12.03
CA ALA E 69 15.93 -11.34 -12.49
C ALA E 69 15.80 -10.37 -11.34
N CYS E 70 16.51 -9.24 -11.43
CA CYS E 70 16.51 -8.26 -10.37
C CYS E 70 16.21 -6.90 -10.94
N ALA E 71 15.72 -6.01 -10.09
CA ALA E 71 15.56 -4.60 -10.43
C ALA E 71 16.33 -3.81 -9.39
N VAL E 72 17.02 -2.76 -9.83
CA VAL E 72 17.81 -1.92 -8.93
C VAL E 72 17.37 -0.46 -9.04
N SER E 73 16.94 0.11 -7.91
CA SER E 73 16.24 1.39 -7.87
C SER E 73 16.95 2.54 -8.56
N LYS E 74 18.27 2.58 -8.46
CA LYS E 74 19.00 3.71 -9.01
C LYS E 74 19.90 3.30 -10.17
N GLN E 75 19.70 2.11 -10.72
CA GLN E 75 20.60 1.62 -11.77
C GLN E 75 19.91 1.12 -13.04
N SER E 76 20.52 1.41 -14.18
CA SER E 76 20.06 0.90 -15.47
C SER E 76 18.93 1.77 -15.97
N ILE E 77 18.66 1.66 -17.27
CA ILE E 77 17.63 2.47 -17.89
C ILE E 77 16.26 2.17 -17.30
N TRP E 78 16.16 1.04 -16.61
CA TRP E 78 14.88 0.59 -16.06
C TRP E 78 14.61 1.11 -14.65
N ALA E 79 15.49 1.95 -14.14
CA ALA E 79 15.35 2.46 -12.78
C ALA E 79 13.97 3.07 -12.47
N PRO E 80 13.42 3.88 -13.38
CA PRO E 80 12.15 4.54 -13.07
C PRO E 80 10.98 3.59 -12.71
N SER E 81 11.00 2.36 -13.20
CA SER E 81 9.88 1.46 -12.95
C SER E 81 10.09 0.53 -11.75
N PHE E 82 11.08 0.85 -10.92
CA PHE E 82 11.43 -0.01 -9.78
C PHE E 82 10.26 -0.28 -8.83
N LYS E 83 9.64 0.78 -8.33
CA LYS E 83 8.56 0.60 -7.36
C LYS E 83 7.37 -0.16 -7.94
N GLU E 84 7.00 0.17 -9.17
CA GLU E 84 5.88 -0.49 -9.84
C GLU E 84 6.14 -1.99 -10.05
N LEU E 85 7.34 -2.32 -10.48
CA LEU E 85 7.69 -3.73 -10.68
C LEU E 85 7.79 -4.46 -9.34
N LEU E 86 8.30 -3.79 -8.31
CA LEU E 86 8.39 -4.42 -7.00
C LEU E 86 7.00 -4.77 -6.48
N ASP E 87 6.09 -3.80 -6.51
CA ASP E 87 4.73 -4.03 -6.04
C ASP E 87 4.06 -5.12 -6.87
N GLN E 88 4.29 -5.10 -8.18
CA GLN E 88 3.64 -6.06 -9.06
C GLN E 88 4.18 -7.48 -8.83
N ALA E 89 5.49 -7.58 -8.61
CA ALA E 89 6.13 -8.85 -8.32
C ALA E 89 5.60 -9.41 -7.00
N ARG E 90 5.48 -8.55 -6.00
CA ARG E 90 4.92 -8.98 -4.73
C ARG E 90 3.50 -9.50 -4.94
N TYR E 91 2.69 -8.81 -5.76
CA TYR E 91 1.32 -9.27 -5.96
C TYR E 91 1.25 -10.65 -6.59
N PHE E 92 1.95 -10.80 -7.72
CA PHE E 92 1.94 -12.07 -8.43
C PHE E 92 2.59 -13.18 -7.61
N TYR E 93 3.57 -12.79 -6.79
CA TYR E 93 4.21 -13.75 -5.89
C TYR E 93 3.19 -14.25 -4.86
N SER E 94 2.41 -13.32 -4.32
CA SER E 94 1.45 -13.69 -3.30
C SER E 94 0.32 -14.58 -3.85
N THR E 95 -0.01 -14.45 -5.13
CA THR E 95 -1.10 -15.24 -5.69
C THR E 95 -0.67 -16.58 -6.26
N GLY E 96 0.59 -16.67 -6.68
CA GLY E 96 1.08 -17.87 -7.34
C GLY E 96 0.57 -18.02 -8.77
N GLN E 97 0.00 -16.96 -9.33
CA GLN E 97 -0.60 -17.10 -10.65
C GLN E 97 0.46 -17.13 -11.76
N SER E 98 0.08 -17.69 -12.90
CA SER E 98 0.97 -17.78 -14.05
C SER E 98 1.18 -16.40 -14.71
N VAL E 99 2.44 -16.08 -15.02
CA VAL E 99 2.80 -14.78 -15.56
C VAL E 99 3.85 -14.91 -16.66
N ARG E 100 4.02 -13.85 -17.45
CA ARG E 100 5.16 -13.78 -18.36
C ARG E 100 6.14 -12.80 -17.77
N ILE E 101 7.39 -13.20 -17.65
CA ILE E 101 8.42 -12.31 -17.13
C ILE E 101 9.27 -11.78 -18.29
N HIS E 102 9.42 -10.47 -18.33
CA HIS E 102 10.24 -9.82 -19.35
C HIS E 102 11.55 -9.37 -18.73
N VAL E 103 12.66 -9.67 -19.39
CA VAL E 103 13.97 -9.29 -18.88
C VAL E 103 14.85 -8.70 -19.97
N GLN E 104 15.90 -8.00 -19.56
CA GLN E 104 16.99 -7.65 -20.45
C GLN E 104 18.25 -8.30 -19.88
N LYS E 105 18.90 -9.10 -20.70
CA LYS E 105 20.06 -9.87 -20.24
C LYS E 105 21.31 -9.03 -20.08
N ASN E 106 22.25 -9.53 -19.28
CA ASN E 106 23.57 -8.92 -19.15
C ASN E 106 23.59 -7.44 -18.76
N ILE E 107 22.82 -7.08 -17.74
CA ILE E 107 22.83 -5.71 -17.25
C ILE E 107 23.67 -5.52 -15.98
N TRP E 108 23.34 -6.27 -14.92
CA TRP E 108 24.08 -6.14 -13.66
C TRP E 108 25.50 -6.68 -13.82
N THR E 109 26.45 -6.03 -13.16
CA THR E 109 27.86 -6.27 -13.42
C THR E 109 28.70 -6.66 -12.21
N TYR E 110 28.20 -6.42 -11.00
CA TYR E 110 28.97 -6.81 -9.81
C TYR E 110 29.01 -8.33 -9.73
N PRO E 111 30.21 -8.91 -9.91
CA PRO E 111 30.34 -10.37 -9.98
C PRO E 111 29.62 -11.14 -8.87
N LEU E 112 29.87 -10.81 -7.61
CA LEU E 112 29.24 -11.55 -6.51
C LEU E 112 27.71 -11.48 -6.61
N PHE E 113 27.20 -10.29 -6.91
CA PHE E 113 25.76 -10.09 -7.12
C PHE E 113 25.23 -10.96 -8.25
N VAL E 114 25.90 -10.92 -9.41
CA VAL E 114 25.48 -11.73 -10.54
C VAL E 114 25.52 -13.23 -10.22
N ASN E 115 26.59 -13.67 -9.56
CA ASN E 115 26.71 -15.08 -9.20
C ASN E 115 25.67 -15.53 -8.18
N THR E 116 25.26 -14.61 -7.31
CA THR E 116 24.20 -14.92 -6.36
C THR E 116 22.84 -14.98 -7.05
N PHE E 117 22.59 -14.00 -7.91
CA PHE E 117 21.32 -13.90 -8.59
C PHE E 117 21.51 -14.11 -10.09
N SER E 118 21.57 -13.02 -10.85
CA SER E 118 21.86 -13.11 -12.27
C SER E 118 22.15 -11.71 -12.80
N ALA E 119 22.54 -11.61 -14.07
CA ALA E 119 22.75 -10.32 -14.69
C ALA E 119 21.48 -9.78 -15.32
N ASN E 120 20.36 -10.49 -15.16
CA ASN E 120 19.09 -10.09 -15.76
C ASN E 120 18.41 -8.92 -15.05
N ALA E 121 18.12 -7.87 -15.80
CA ALA E 121 17.26 -6.81 -15.30
C ALA E 121 15.79 -7.18 -15.56
N LEU E 122 14.96 -7.02 -14.54
CA LEU E 122 13.53 -7.24 -14.69
C LEU E 122 12.91 -6.00 -15.35
N VAL E 123 12.27 -6.18 -16.50
CA VAL E 123 11.72 -5.00 -17.18
C VAL E 123 10.21 -5.04 -17.40
N GLY E 124 9.56 -6.13 -17.01
CA GLY E 124 8.11 -6.19 -17.13
C GLY E 124 7.50 -7.47 -16.58
N LEU E 125 6.21 -7.41 -16.24
CA LEU E 125 5.47 -8.57 -15.75
C LEU E 125 4.08 -8.55 -16.38
N SER E 126 3.65 -9.67 -16.95
CA SER E 126 2.34 -9.76 -17.58
C SER E 126 1.56 -10.95 -17.00
N SER E 127 0.27 -10.77 -16.73
CA SER E 127 -0.56 -11.90 -16.33
C SER E 127 -0.78 -12.82 -17.53
N CYS E 128 -0.98 -14.10 -17.24
CA CYS E 128 -1.25 -15.13 -18.27
C CYS E 128 -2.50 -15.93 -17.95
N SER E 129 -3.30 -16.18 -18.98
CA SER E 129 -4.33 -17.20 -18.89
C SER E 129 -3.74 -18.52 -19.38
N ALA E 130 -4.60 -19.50 -19.63
CA ALA E 130 -4.15 -20.82 -20.06
C ALA E 130 -3.35 -20.82 -21.36
N THR E 131 -3.81 -20.03 -22.33
CA THR E 131 -3.33 -20.14 -23.71
C THR E 131 -2.51 -18.94 -24.17
N GLN E 132 -2.54 -17.86 -23.40
CA GLN E 132 -1.83 -16.66 -23.81
C GLN E 132 -1.56 -15.76 -22.63
N CYS E 133 -0.68 -14.78 -22.85
CA CYS E 133 -0.33 -13.83 -21.81
C CYS E 133 -0.62 -12.43 -22.33
N PHE E 134 -0.88 -11.52 -21.40
CA PHE E 134 -1.25 -10.16 -21.74
C PHE E 134 -0.04 -9.24 -21.73
N GLY E 135 0.66 -9.16 -22.86
CA GLY E 135 1.89 -8.39 -22.91
C GLY E 135 2.59 -8.66 -24.23
N PRO E 136 3.70 -7.95 -24.48
CA PRO E 136 4.39 -8.10 -25.76
C PRO E 136 5.01 -9.48 -25.88
N LYS E 137 5.15 -9.95 -27.12
CA LYS E 137 5.71 -11.25 -27.43
C LYS E 137 6.39 -11.18 -28.79
#